data_3B65
#
_entry.id   3B65
#
_cell.length_a   54.639
_cell.length_b   66.712
_cell.length_c   69.042
_cell.angle_alpha   90.00
_cell.angle_beta   90.00
_cell.angle_gamma   90.00
#
_symmetry.space_group_name_H-M   'P 21 21 21'
#
loop_
_entity.id
_entity.type
_entity.pdbx_description
1 polymer 'Androgen receptor'
2 non-polymer (2S)-N-(4-cyano-3-iodophenyl)-3-(4-cyanophenoxy)-2-hydroxy-2-methylpropanamide
3 water water
#
_entity_poly.entity_id   1
_entity_poly.type   'polypeptide(L)'
_entity_poly.pdbx_seq_one_letter_code
;PIFLNVLEAIEPGVVCAGHDNNQPDSFAALLSSLNELGERQLVHVVKWAKALPGFRNLHVDDQMAVIQYSWMGLMVFAMG
WRSFTNVNSRMLYFAPDLVFNEYRMHKSRMYSQCVRMRHLSQEFGWLQITPQEFLCMKALLLFSIIPVDGLKNQKFFDEL
RMNYIKELDRIIACKRKNPTSCSRRFYQLTKLLDSVQPIARELHQFTFDLLIKSHMVSVDFPEMMAEIISVQVPKILSGK
VKPIYFHTQ
;
_entity_poly.pdbx_strand_id   A
#
loop_
_chem_comp.id
_chem_comp.type
_chem_comp.name
_chem_comp.formula
3B6 non-polymer (2S)-N-(4-cyano-3-iodophenyl)-3-(4-cyanophenoxy)-2-hydroxy-2-methylpropanamide 'C18 H14 I N3 O3'
#
# COMPACT_ATOMS: atom_id res chain seq x y z
N PRO A 1 2.62 -15.53 20.61
CA PRO A 1 2.70 -14.63 19.42
C PRO A 1 1.31 -14.52 18.79
N ILE A 2 0.30 -14.35 19.63
CA ILE A 2 -1.08 -14.26 19.16
C ILE A 2 -1.26 -13.25 18.04
N PHE A 3 -0.90 -11.99 18.29
CA PHE A 3 -1.04 -10.94 17.30
C PHE A 3 -0.33 -11.24 15.98
N LEU A 4 0.91 -11.72 16.05
CA LEU A 4 1.66 -12.04 14.85
C LEU A 4 1.15 -13.28 14.15
N ASN A 5 0.58 -14.22 14.89
CA ASN A 5 0.04 -15.43 14.27
C ASN A 5 -1.08 -15.01 13.35
N VAL A 6 -1.93 -14.10 13.83
CA VAL A 6 -3.05 -13.62 13.06
C VAL A 6 -2.63 -12.93 11.77
N LEU A 7 -1.66 -12.02 11.86
CA LEU A 7 -1.19 -11.32 10.67
C LEU A 7 -0.60 -12.32 9.67
N GLU A 8 0.18 -13.27 10.17
CA GLU A 8 0.79 -14.27 9.31
C GLU A 8 -0.32 -15.10 8.67
N ALA A 9 -1.35 -15.40 9.46
CA ALA A 9 -2.48 -16.20 8.99
C ALA A 9 -3.36 -15.55 7.92
N ILE A 10 -3.56 -14.24 8.01
CA ILE A 10 -4.42 -13.55 7.04
C ILE A 10 -3.70 -12.91 5.85
N GLU A 11 -2.37 -12.97 5.84
CA GLU A 11 -1.59 -12.39 4.74
C GLU A 11 -2.00 -13.00 3.39
N PRO A 12 -2.48 -12.15 2.46
CA PRO A 12 -2.91 -12.59 1.13
C PRO A 12 -1.84 -13.35 0.36
N GLY A 13 -2.27 -14.28 -0.48
CA GLY A 13 -1.34 -15.06 -1.27
C GLY A 13 -1.04 -14.35 -2.59
N VAL A 14 -0.48 -15.11 -3.53
CA VAL A 14 -0.13 -14.56 -4.84
C VAL A 14 -1.33 -14.11 -5.65
N VAL A 15 -1.25 -12.91 -6.21
CA VAL A 15 -2.31 -12.38 -7.06
C VAL A 15 -1.71 -12.06 -8.43
N CYS A 16 -2.29 -12.61 -9.48
CA CYS A 16 -1.78 -12.36 -10.84
C CYS A 16 -2.60 -11.31 -11.57
N ALA A 17 -1.96 -10.63 -12.51
CA ALA A 17 -2.58 -9.57 -13.29
C ALA A 17 -3.34 -10.09 -14.52
N GLY A 18 -2.90 -11.22 -15.06
CA GLY A 18 -3.54 -11.79 -16.23
C GLY A 18 -3.02 -11.14 -17.50
N HIS A 19 -1.86 -10.48 -17.38
CA HIS A 19 -1.20 -9.78 -18.48
C HIS A 19 -0.67 -10.71 -19.57
N ASP A 20 -0.71 -10.26 -20.82
CA ASP A 20 -0.20 -11.04 -21.95
C ASP A 20 1.26 -10.63 -22.18
N ASN A 21 2.18 -11.43 -21.66
CA ASN A 21 3.61 -11.14 -21.78
C ASN A 21 4.21 -11.55 -23.12
N ASN A 22 3.42 -12.17 -23.99
CA ASN A 22 3.91 -12.58 -25.30
C ASN A 22 3.74 -11.39 -26.25
N GLN A 23 2.85 -10.49 -25.85
CA GLN A 23 2.54 -9.30 -26.61
C GLN A 23 3.57 -8.19 -26.33
N PRO A 24 4.00 -7.47 -27.36
CA PRO A 24 4.98 -6.39 -27.18
C PRO A 24 4.40 -5.37 -26.20
N ASP A 25 5.24 -4.77 -25.37
CA ASP A 25 4.78 -3.78 -24.39
C ASP A 25 4.12 -2.58 -25.06
N SER A 26 3.00 -2.14 -24.49
CA SER A 26 2.30 -0.96 -25.00
C SER A 26 1.69 -0.27 -23.80
N PHE A 27 1.55 1.04 -23.87
CA PHE A 27 0.98 1.79 -22.77
C PHE A 27 -0.41 1.28 -22.40
N ALA A 28 -1.29 1.19 -23.40
CA ALA A 28 -2.65 0.74 -23.17
C ALA A 28 -2.76 -0.62 -22.46
N ALA A 29 -1.97 -1.59 -22.93
CA ALA A 29 -1.98 -2.92 -22.35
C ALA A 29 -1.42 -2.96 -20.92
N LEU A 30 -0.31 -2.25 -20.71
CA LEU A 30 0.32 -2.21 -19.40
C LEU A 30 -0.62 -1.59 -18.37
N LEU A 31 -1.29 -0.49 -18.75
CA LEU A 31 -2.21 0.17 -17.84
C LEU A 31 -3.46 -0.67 -17.56
N SER A 32 -3.97 -1.35 -18.58
CA SER A 32 -5.15 -2.18 -18.38
C SER A 32 -4.85 -3.34 -17.41
N SER A 33 -3.61 -3.82 -17.44
CA SER A 33 -3.23 -4.90 -16.56
C SER A 33 -3.01 -4.35 -15.16
N LEU A 34 -2.46 -3.14 -15.06
CA LEU A 34 -2.26 -2.53 -13.75
C LEU A 34 -3.64 -2.33 -13.11
N ASN A 35 -4.59 -1.80 -13.88
CA ASN A 35 -5.95 -1.57 -13.39
C ASN A 35 -6.61 -2.87 -12.94
N GLU A 36 -6.55 -3.89 -13.78
CA GLU A 36 -7.13 -5.20 -13.44
C GLU A 36 -6.44 -5.77 -12.19
N LEU A 37 -5.12 -5.67 -12.14
CA LEU A 37 -4.35 -6.15 -11.01
C LEU A 37 -4.75 -5.39 -9.75
N GLY A 38 -4.88 -4.07 -9.87
CA GLY A 38 -5.28 -3.26 -8.73
C GLY A 38 -6.59 -3.75 -8.17
N GLU A 39 -7.53 -4.00 -9.06
CA GLU A 39 -8.85 -4.48 -8.68
C GLU A 39 -8.81 -5.88 -8.04
N ARG A 40 -7.98 -6.75 -8.58
CA ARG A 40 -7.87 -8.10 -8.03
C ARG A 40 -7.31 -8.04 -6.62
N GLN A 41 -6.30 -7.19 -6.42
CA GLN A 41 -5.70 -7.05 -5.10
C GLN A 41 -6.65 -6.42 -4.09
N LEU A 42 -7.48 -5.48 -4.53
CA LEU A 42 -8.45 -4.84 -3.63
C LEU A 42 -9.40 -5.88 -3.03
N VAL A 43 -9.78 -6.87 -3.82
CA VAL A 43 -10.67 -7.95 -3.36
C VAL A 43 -10.03 -8.60 -2.13
N HIS A 44 -8.71 -8.78 -2.19
CA HIS A 44 -7.98 -9.39 -1.09
C HIS A 44 -7.71 -8.43 0.05
N VAL A 45 -7.52 -7.15 -0.26
CA VAL A 45 -7.27 -6.15 0.79
C VAL A 45 -8.49 -6.03 1.70
N VAL A 46 -9.67 -6.14 1.12
CA VAL A 46 -10.90 -6.07 1.89
C VAL A 46 -11.00 -7.26 2.85
N LYS A 47 -10.86 -8.47 2.32
CA LYS A 47 -10.92 -9.70 3.12
C LYS A 47 -9.84 -9.70 4.22
N TRP A 48 -8.65 -9.24 3.86
CA TRP A 48 -7.54 -9.16 4.80
C TRP A 48 -7.89 -8.16 5.92
N ALA A 49 -8.28 -6.96 5.52
CA ALA A 49 -8.64 -5.92 6.48
C ALA A 49 -9.76 -6.34 7.45
N LYS A 50 -10.77 -7.04 6.93
CA LYS A 50 -11.87 -7.46 7.78
C LYS A 50 -11.50 -8.54 8.80
N ALA A 51 -10.38 -9.23 8.58
CA ALA A 51 -9.93 -10.29 9.50
C ALA A 51 -8.83 -9.79 10.42
N LEU A 52 -8.54 -8.49 10.34
CA LEU A 52 -7.51 -7.88 11.16
C LEU A 52 -8.03 -7.70 12.59
N PRO A 53 -7.19 -7.98 13.61
CA PRO A 53 -7.66 -7.82 14.99
C PRO A 53 -8.20 -6.41 15.27
N GLY A 54 -9.42 -6.35 15.77
CA GLY A 54 -10.05 -5.08 16.13
C GLY A 54 -10.71 -4.28 15.02
N PHE A 55 -10.43 -4.63 13.77
CA PHE A 55 -10.99 -3.89 12.64
C PHE A 55 -12.52 -3.77 12.68
N ARG A 56 -13.18 -4.82 13.16
CA ARG A 56 -14.64 -4.83 13.23
C ARG A 56 -15.20 -3.78 14.21
N ASN A 57 -14.36 -3.28 15.10
CA ASN A 57 -14.76 -2.27 16.07
C ASN A 57 -15.19 -1.00 15.34
N LEU A 58 -14.46 -0.65 14.27
CA LEU A 58 -14.75 0.54 13.49
C LEU A 58 -16.18 0.54 12.97
N HIS A 59 -16.73 1.74 12.78
CA HIS A 59 -18.07 1.86 12.25
C HIS A 59 -18.01 1.30 10.82
N VAL A 60 -19.09 0.67 10.38
CA VAL A 60 -19.17 0.06 9.06
C VAL A 60 -18.72 0.98 7.93
N ASP A 61 -19.06 2.27 8.04
CA ASP A 61 -18.69 3.23 7.00
C ASP A 61 -17.22 3.62 7.05
N ASP A 62 -16.65 3.61 8.26
CA ASP A 62 -15.24 3.95 8.41
C ASP A 62 -14.37 2.80 7.86
N GLN A 63 -14.88 1.58 7.97
CA GLN A 63 -14.17 0.40 7.49
C GLN A 63 -13.94 0.49 5.99
N MET A 64 -14.99 0.81 5.24
CA MET A 64 -14.89 0.93 3.80
C MET A 64 -14.07 2.16 3.38
N ALA A 65 -14.25 3.26 4.08
CA ALA A 65 -13.52 4.49 3.79
C ALA A 65 -12.01 4.31 4.00
N VAL A 66 -11.65 3.77 5.15
CA VAL A 66 -10.26 3.56 5.48
C VAL A 66 -9.58 2.61 4.48
N ILE A 67 -10.29 1.55 4.07
CA ILE A 67 -9.74 0.61 3.12
C ILE A 67 -9.51 1.28 1.76
N GLN A 68 -10.50 2.04 1.30
CA GLN A 68 -10.38 2.74 0.02
C GLN A 68 -9.28 3.81 0.01
N TYR A 69 -9.12 4.56 1.11
CA TYR A 69 -8.08 5.59 1.17
C TYR A 69 -6.69 4.95 1.17
N SER A 70 -6.52 3.92 1.99
CA SER A 70 -5.26 3.20 2.13
C SER A 70 -4.89 2.27 0.98
N TRP A 71 -5.87 1.90 0.16
CA TRP A 71 -5.67 0.98 -0.95
C TRP A 71 -4.34 1.11 -1.70
N MET A 72 -4.09 2.25 -2.33
CA MET A 72 -2.86 2.47 -3.07
C MET A 72 -1.61 2.24 -2.21
N GLY A 73 -1.53 2.91 -1.07
CA GLY A 73 -0.37 2.76 -0.20
C GLY A 73 -0.08 1.32 0.17
N LEU A 74 -1.12 0.57 0.52
CA LEU A 74 -0.95 -0.82 0.89
C LEU A 74 -0.32 -1.63 -0.24
N MET A 75 -0.79 -1.41 -1.48
CA MET A 75 -0.23 -2.13 -2.63
C MET A 75 1.22 -1.75 -2.87
N VAL A 76 1.53 -0.47 -2.71
CA VAL A 76 2.88 0.04 -2.89
C VAL A 76 3.82 -0.65 -1.92
N PHE A 77 3.45 -0.64 -0.65
CA PHE A 77 4.26 -1.24 0.40
C PHE A 77 4.49 -2.73 0.18
N ALA A 78 3.41 -3.45 -0.11
CA ALA A 78 3.48 -4.89 -0.35
C ALA A 78 4.29 -5.21 -1.60
N MET A 79 4.21 -4.35 -2.61
CA MET A 79 4.93 -4.57 -3.85
C MET A 79 6.45 -4.36 -3.66
N GLY A 80 6.81 -3.41 -2.80
CA GLY A 80 8.22 -3.16 -2.54
C GLY A 80 8.87 -4.35 -1.84
N TRP A 81 8.16 -4.94 -0.89
CA TRP A 81 8.69 -6.09 -0.16
C TRP A 81 8.83 -7.29 -1.10
N ARG A 82 7.84 -7.51 -1.98
CA ARG A 82 7.91 -8.60 -2.94
C ARG A 82 9.05 -8.36 -3.91
N SER A 83 9.23 -7.11 -4.31
CA SER A 83 10.31 -6.77 -5.23
C SER A 83 11.63 -7.08 -4.56
N PHE A 84 11.74 -6.74 -3.28
CA PHE A 84 12.96 -7.01 -2.56
C PHE A 84 13.22 -8.50 -2.38
N THR A 85 12.25 -9.24 -1.84
CA THR A 85 12.44 -10.67 -1.62
C THR A 85 12.56 -11.50 -2.89
N ASN A 86 11.73 -11.22 -3.90
CA ASN A 86 11.76 -11.99 -5.13
C ASN A 86 12.92 -11.73 -6.08
N VAL A 87 13.12 -10.46 -6.44
CA VAL A 87 14.18 -10.11 -7.37
C VAL A 87 15.22 -9.14 -6.80
N ASN A 88 15.35 -9.13 -5.49
CA ASN A 88 16.33 -8.27 -4.84
C ASN A 88 16.31 -6.85 -5.40
N SER A 89 15.11 -6.33 -5.61
CA SER A 89 14.90 -4.97 -6.11
C SER A 89 15.39 -4.68 -7.52
N ARG A 90 15.70 -5.72 -8.30
CA ARG A 90 16.17 -5.49 -9.65
C ARG A 90 15.03 -5.08 -10.58
N MET A 91 13.81 -5.46 -10.23
CA MET A 91 12.64 -5.11 -11.01
C MET A 91 11.48 -4.95 -10.03
N LEU A 92 10.40 -4.31 -10.47
CA LEU A 92 9.25 -4.14 -9.61
C LEU A 92 8.34 -5.34 -9.81
N TYR A 93 8.14 -6.11 -8.73
CA TYR A 93 7.32 -7.32 -8.77
C TYR A 93 5.85 -7.01 -8.49
N PHE A 94 5.14 -6.40 -9.45
CA PHE A 94 3.73 -6.09 -9.25
C PHE A 94 2.96 -7.40 -9.08
N ALA A 95 3.33 -8.39 -9.89
CA ALA A 95 2.72 -9.71 -9.86
C ALA A 95 3.66 -10.62 -10.61
N PRO A 96 3.53 -11.96 -10.41
CA PRO A 96 4.41 -12.89 -11.12
C PRO A 96 4.36 -12.67 -12.64
N ASP A 97 3.19 -12.28 -13.14
CA ASP A 97 3.01 -12.04 -14.58
C ASP A 97 3.00 -10.55 -14.93
N LEU A 98 3.54 -9.72 -14.05
CA LEU A 98 3.60 -8.29 -14.32
C LEU A 98 4.81 -7.69 -13.59
N VAL A 99 5.99 -7.98 -14.14
CA VAL A 99 7.26 -7.51 -13.59
C VAL A 99 7.81 -6.40 -14.47
N PHE A 100 8.05 -5.24 -13.87
CA PHE A 100 8.56 -4.10 -14.61
C PHE A 100 10.07 -3.92 -14.59
N ASN A 101 10.66 -3.79 -15.77
CA ASN A 101 12.08 -3.47 -15.89
C ASN A 101 12.00 -1.98 -16.19
N GLU A 102 13.14 -1.30 -16.37
CA GLU A 102 13.11 0.13 -16.64
C GLU A 102 12.32 0.47 -17.90
N TYR A 103 12.42 -0.40 -18.91
CA TYR A 103 11.69 -0.17 -20.15
C TYR A 103 10.18 -0.10 -19.90
N ARG A 104 9.68 -1.04 -19.10
CA ARG A 104 8.26 -1.08 -18.76
C ARG A 104 7.90 0.12 -17.87
N MET A 105 8.79 0.47 -16.97
CA MET A 105 8.56 1.60 -16.08
C MET A 105 8.39 2.87 -16.92
N HIS A 106 9.20 2.98 -17.97
CA HIS A 106 9.15 4.14 -18.83
C HIS A 106 7.93 4.14 -19.74
N LYS A 107 7.56 2.98 -20.28
CA LYS A 107 6.41 2.91 -21.16
C LYS A 107 5.09 3.07 -20.40
N SER A 108 5.09 2.79 -19.09
CA SER A 108 3.87 2.93 -18.30
C SER A 108 3.56 4.40 -18.05
N ARG A 109 4.58 5.24 -18.25
CA ARG A 109 4.48 6.68 -18.04
C ARG A 109 4.39 7.01 -16.54
N MET A 110 4.85 6.07 -15.72
CA MET A 110 4.88 6.22 -14.26
C MET A 110 6.30 5.96 -13.80
N TYR A 111 7.27 6.37 -14.61
CA TYR A 111 8.67 6.11 -14.27
C TYR A 111 9.14 6.64 -12.92
N SER A 112 8.91 7.92 -12.63
CA SER A 112 9.34 8.50 -11.36
C SER A 112 8.74 7.78 -10.18
N GLN A 113 7.48 7.40 -10.29
CA GLN A 113 6.82 6.70 -9.21
C GLN A 113 7.45 5.31 -9.07
N CYS A 114 7.70 4.65 -10.20
CA CYS A 114 8.32 3.34 -10.18
C CYS A 114 9.71 3.37 -9.55
N VAL A 115 10.51 4.36 -9.92
CA VAL A 115 11.87 4.47 -9.39
C VAL A 115 11.85 4.67 -7.89
N ARG A 116 10.85 5.40 -7.40
CA ARG A 116 10.71 5.64 -5.96
C ARG A 116 10.35 4.35 -5.23
N MET A 117 9.55 3.51 -5.89
CA MET A 117 9.17 2.23 -5.29
C MET A 117 10.33 1.26 -5.32
N ARG A 118 11.20 1.38 -6.32
CA ARG A 118 12.36 0.50 -6.39
C ARG A 118 13.27 0.87 -5.22
N HIS A 119 13.35 2.16 -4.94
CA HIS A 119 14.16 2.66 -3.83
C HIS A 119 13.58 2.13 -2.52
N LEU A 120 12.26 2.10 -2.42
CA LEU A 120 11.57 1.60 -1.23
C LEU A 120 11.94 0.13 -1.11
N SER A 121 11.91 -0.54 -2.25
CA SER A 121 12.24 -1.96 -2.33
C SER A 121 13.64 -2.19 -1.76
N GLN A 122 14.58 -1.32 -2.13
CA GLN A 122 15.94 -1.43 -1.66
C GLN A 122 16.03 -1.15 -0.16
N GLU A 123 15.12 -0.32 0.33
CA GLU A 123 15.07 0.03 1.74
C GLU A 123 14.84 -1.19 2.62
N PHE A 124 13.94 -2.08 2.20
CA PHE A 124 13.64 -3.29 2.96
C PHE A 124 14.93 -4.08 3.22
N GLY A 125 15.81 -4.09 2.22
CA GLY A 125 17.08 -4.79 2.34
C GLY A 125 18.11 -4.01 3.15
N TRP A 126 18.24 -2.72 2.87
CA TRP A 126 19.21 -1.90 3.58
C TRP A 126 18.91 -1.87 5.09
N LEU A 127 17.63 -1.73 5.44
CA LEU A 127 17.21 -1.68 6.84
C LEU A 127 16.99 -3.07 7.43
N GLN A 128 17.15 -4.10 6.59
CA GLN A 128 16.97 -5.48 7.02
C GLN A 128 15.63 -5.63 7.73
N ILE A 129 14.55 -5.26 7.04
CA ILE A 129 13.22 -5.39 7.60
C ILE A 129 12.89 -6.87 7.69
N THR A 130 12.43 -7.30 8.86
CA THR A 130 12.07 -8.70 9.05
C THR A 130 10.64 -8.89 8.53
N PRO A 131 10.26 -10.15 8.25
CA PRO A 131 8.91 -10.43 7.75
C PRO A 131 7.83 -9.98 8.73
N GLN A 132 8.17 -10.03 10.01
CA GLN A 132 7.24 -9.63 11.06
C GLN A 132 7.09 -8.12 11.18
N GLU A 133 8.19 -7.37 11.07
CA GLU A 133 8.11 -5.91 11.11
C GLU A 133 7.27 -5.49 9.91
N PHE A 134 7.52 -6.15 8.78
CA PHE A 134 6.80 -5.89 7.54
C PHE A 134 5.28 -6.06 7.71
N LEU A 135 4.87 -7.20 8.25
CA LEU A 135 3.45 -7.48 8.47
C LEU A 135 2.80 -6.46 9.40
N CYS A 136 3.49 -6.07 10.47
CA CYS A 136 2.93 -5.11 11.41
C CYS A 136 2.87 -3.73 10.76
N MET A 137 3.96 -3.33 10.14
CA MET A 137 4.00 -2.01 9.49
C MET A 137 2.89 -1.93 8.45
N LYS A 138 2.69 -3.02 7.70
CA LYS A 138 1.65 -3.04 6.67
C LYS A 138 0.25 -2.84 7.25
N ALA A 139 -0.03 -3.52 8.36
CA ALA A 139 -1.34 -3.38 9.01
C ALA A 139 -1.51 -1.95 9.53
N LEU A 140 -0.45 -1.40 10.12
CA LEU A 140 -0.45 -0.04 10.65
C LEU A 140 -0.72 0.95 9.50
N LEU A 141 -0.18 0.63 8.32
CA LEU A 141 -0.36 1.46 7.14
C LEU A 141 -1.84 1.64 6.84
N LEU A 142 -2.63 0.61 7.14
CA LEU A 142 -4.06 0.67 6.89
C LEU A 142 -4.74 1.72 7.77
N PHE A 143 -4.12 2.04 8.91
CA PHE A 143 -4.69 3.02 9.82
C PHE A 143 -3.86 4.30 9.83
N SER A 144 -3.47 4.76 8.65
CA SER A 144 -2.64 5.96 8.52
C SER A 144 -3.15 7.04 7.58
N ILE A 145 -4.45 7.09 7.34
CA ILE A 145 -5.01 8.12 6.46
C ILE A 145 -6.48 8.34 6.80
N ILE A 146 -6.79 9.55 7.29
CA ILE A 146 -8.14 9.91 7.72
C ILE A 146 -8.62 11.30 7.24
N PRO A 147 -9.95 11.53 7.32
CA PRO A 147 -10.60 12.77 6.93
C PRO A 147 -10.42 13.85 8.00
N VAL A 148 -10.17 15.09 7.57
CA VAL A 148 -10.00 16.20 8.51
C VAL A 148 -11.28 16.33 9.31
N ASP A 149 -12.42 16.14 8.65
CA ASP A 149 -13.72 16.24 9.30
C ASP A 149 -14.02 15.03 10.16
N GLY A 150 -13.04 14.13 10.27
CA GLY A 150 -13.20 12.94 11.09
C GLY A 150 -14.06 11.82 10.53
N LEU A 151 -13.89 10.65 11.12
CA LEU A 151 -14.65 9.45 10.76
C LEU A 151 -15.91 9.42 11.62
N LYS A 152 -16.82 8.50 11.32
CA LYS A 152 -18.05 8.38 12.09
C LYS A 152 -17.69 8.12 13.55
N ASN A 153 -16.72 7.24 13.75
CA ASN A 153 -16.25 6.89 15.09
C ASN A 153 -14.77 7.14 15.18
N GLN A 154 -14.36 8.40 15.27
CA GLN A 154 -12.95 8.73 15.36
C GLN A 154 -12.27 8.06 16.54
N LYS A 155 -12.90 8.09 17.71
CA LYS A 155 -12.32 7.49 18.90
C LYS A 155 -11.93 6.03 18.74
N PHE A 156 -12.84 5.21 18.19
CA PHE A 156 -12.53 3.81 17.99
C PHE A 156 -11.33 3.68 17.07
N PHE A 157 -11.24 4.57 16.08
CA PHE A 157 -10.13 4.55 15.15
C PHE A 157 -8.83 4.85 15.89
N ASP A 158 -8.84 5.91 16.70
CA ASP A 158 -7.64 6.30 17.46
C ASP A 158 -7.14 5.19 18.36
N GLU A 159 -8.05 4.47 19.01
CA GLU A 159 -7.69 3.39 19.90
C GLU A 159 -6.98 2.29 19.10
N LEU A 160 -7.62 1.89 18.01
CA LEU A 160 -7.09 0.84 17.14
C LEU A 160 -5.69 1.17 16.64
N ARG A 161 -5.53 2.38 16.10
CA ARG A 161 -4.22 2.81 15.59
C ARG A 161 -3.18 2.78 16.69
N MET A 162 -3.58 3.21 17.89
CA MET A 162 -2.68 3.21 19.03
C MET A 162 -2.26 1.78 19.39
N ASN A 163 -3.21 0.85 19.36
CA ASN A 163 -2.91 -0.54 19.69
C ASN A 163 -1.95 -1.17 18.67
N TYR A 164 -2.09 -0.81 17.40
CA TYR A 164 -1.18 -1.36 16.39
C TYR A 164 0.24 -0.79 16.55
N ILE A 165 0.35 0.47 16.94
CA ILE A 165 1.65 1.09 17.17
C ILE A 165 2.29 0.35 18.35
N LYS A 166 1.47 0.02 19.35
CA LYS A 166 1.96 -0.70 20.52
C LYS A 166 2.42 -2.11 20.17
N GLU A 167 1.84 -2.67 19.11
CA GLU A 167 2.25 -3.99 18.68
C GLU A 167 3.63 -3.90 18.02
N LEU A 168 3.84 -2.84 17.25
CA LEU A 168 5.11 -2.62 16.58
C LEU A 168 6.22 -2.45 17.63
N ASP A 169 5.90 -1.72 18.70
CA ASP A 169 6.84 -1.50 19.80
C ASP A 169 7.30 -2.85 20.34
N ARG A 170 6.33 -3.74 20.52
CA ARG A 170 6.59 -5.08 21.02
C ARG A 170 7.46 -5.90 20.07
N ILE A 171 7.20 -5.77 18.77
CA ILE A 171 8.00 -6.48 17.78
C ILE A 171 9.43 -5.95 17.75
N ILE A 172 9.58 -4.67 18.04
CA ILE A 172 10.89 -4.04 18.05
C ILE A 172 11.64 -4.35 19.34
N ALA A 173 10.92 -4.38 20.45
CA ALA A 173 11.52 -4.66 21.75
C ALA A 173 11.88 -6.13 21.88
N CYS A 174 11.08 -7.00 21.27
CA CYS A 174 11.37 -8.42 21.33
C CYS A 174 12.81 -8.66 20.88
N LYS A 175 13.65 -9.08 21.81
CA LYS A 175 15.06 -9.35 21.54
C LYS A 175 15.90 -8.08 21.41
N ARG A 176 15.48 -7.03 22.10
CA ARG A 176 16.19 -5.76 22.13
C ARG A 176 16.02 -5.18 23.53
N LYS A 177 16.95 -5.50 24.41
CA LYS A 177 16.89 -5.01 25.77
C LYS A 177 17.32 -3.56 25.87
N ASN A 178 18.05 -3.09 24.86
CA ASN A 178 18.54 -1.72 24.84
C ASN A 178 17.52 -0.69 24.33
N PRO A 179 16.98 0.14 25.23
CA PRO A 179 16.00 1.17 24.89
C PRO A 179 16.43 2.01 23.68
N THR A 180 17.70 2.41 23.68
CA THR A 180 18.26 3.22 22.60
C THR A 180 18.12 2.46 21.28
N SER A 181 18.39 1.17 21.33
CA SER A 181 18.30 0.31 20.15
C SER A 181 16.86 0.25 19.66
N CYS A 182 15.92 0.24 20.59
CA CYS A 182 14.50 0.21 20.24
C CYS A 182 14.08 1.54 19.63
N SER A 183 14.60 2.64 20.18
CA SER A 183 14.31 3.98 19.69
C SER A 183 14.80 4.19 18.27
N ARG A 184 16.06 3.83 18.02
CA ARG A 184 16.61 4.00 16.68
C ARG A 184 15.84 3.18 15.67
N ARG A 185 15.44 1.97 16.06
CA ARG A 185 14.71 1.09 15.17
C ARG A 185 13.34 1.68 14.87
N PHE A 186 12.67 2.20 15.90
CA PHE A 186 11.35 2.80 15.73
C PHE A 186 11.47 3.98 14.78
N TYR A 187 12.55 4.75 14.95
CA TYR A 187 12.81 5.91 14.11
C TYR A 187 12.88 5.45 12.65
N GLN A 188 13.75 4.47 12.39
CA GLN A 188 13.92 3.95 11.04
C GLN A 188 12.61 3.48 10.42
N LEU A 189 11.83 2.71 11.17
CA LEU A 189 10.57 2.17 10.68
C LEU A 189 9.48 3.20 10.41
N THR A 190 9.32 4.16 11.30
CA THR A 190 8.30 5.19 11.10
C THR A 190 8.69 6.04 9.90
N LYS A 191 10.00 6.18 9.69
CA LYS A 191 10.51 6.95 8.57
C LYS A 191 10.18 6.22 7.26
N LEU A 192 10.36 4.90 7.25
CA LEU A 192 10.07 4.12 6.06
C LEU A 192 8.59 4.16 5.73
N LEU A 193 7.75 4.10 6.76
CA LEU A 193 6.29 4.14 6.60
C LEU A 193 5.84 5.47 6.02
N ASP A 194 6.43 6.56 6.49
CA ASP A 194 6.10 7.90 6.03
C ASP A 194 6.43 8.04 4.54
N SER A 195 7.55 7.44 4.12
CA SER A 195 7.98 7.52 2.73
C SER A 195 6.96 6.92 1.77
N VAL A 196 6.12 6.01 2.26
CA VAL A 196 5.12 5.40 1.40
C VAL A 196 4.08 6.38 0.90
N GLN A 197 3.65 7.29 1.78
CA GLN A 197 2.61 8.26 1.45
C GLN A 197 2.88 9.14 0.22
N PRO A 198 4.07 9.75 0.13
CA PRO A 198 4.38 10.60 -1.03
C PRO A 198 4.31 9.82 -2.35
N ILE A 199 4.67 8.54 -2.31
CA ILE A 199 4.63 7.68 -3.48
C ILE A 199 3.17 7.39 -3.85
N ALA A 200 2.35 7.08 -2.85
CA ALA A 200 0.94 6.82 -3.11
C ALA A 200 0.27 8.06 -3.71
N ARG A 201 0.69 9.23 -3.26
CA ARG A 201 0.15 10.50 -3.74
C ARG A 201 0.45 10.68 -5.24
N GLU A 202 1.70 10.43 -5.66
CA GLU A 202 2.03 10.57 -7.08
C GLU A 202 1.22 9.58 -7.92
N LEU A 203 1.02 8.37 -7.40
CA LEU A 203 0.24 7.38 -8.12
C LEU A 203 -1.22 7.84 -8.18
N HIS A 204 -1.69 8.41 -7.09
CA HIS A 204 -3.06 8.91 -7.03
C HIS A 204 -3.23 10.00 -8.08
N GLN A 205 -2.34 10.99 -8.06
CA GLN A 205 -2.38 12.08 -9.00
C GLN A 205 -2.37 11.57 -10.44
N PHE A 206 -1.39 10.71 -10.72
CA PHE A 206 -1.26 10.12 -12.04
C PHE A 206 -2.54 9.39 -12.48
N THR A 207 -3.06 8.54 -11.60
CA THR A 207 -4.26 7.78 -11.90
C THR A 207 -5.46 8.67 -12.13
N PHE A 208 -5.55 9.75 -11.36
CA PHE A 208 -6.66 10.68 -11.49
C PHE A 208 -6.64 11.30 -12.89
N ASP A 209 -5.51 11.88 -13.25
CA ASP A 209 -5.39 12.52 -14.56
C ASP A 209 -5.72 11.53 -15.68
N LEU A 210 -5.19 10.32 -15.54
CA LEU A 210 -5.39 9.26 -16.53
C LEU A 210 -6.88 8.92 -16.73
N LEU A 211 -7.64 8.86 -15.65
CA LEU A 211 -9.07 8.58 -15.75
C LEU A 211 -9.79 9.69 -16.53
N ILE A 212 -9.49 10.94 -16.19
CA ILE A 212 -10.13 12.06 -16.86
C ILE A 212 -9.91 12.03 -18.38
N LYS A 213 -8.76 11.55 -18.80
CA LYS A 213 -8.47 11.50 -20.23
C LYS A 213 -8.53 10.06 -20.76
N SER A 214 -9.02 9.15 -19.93
CA SER A 214 -9.11 7.73 -20.29
C SER A 214 -9.56 7.51 -21.73
N HIS A 215 -10.59 8.22 -22.16
CA HIS A 215 -11.12 8.08 -23.52
C HIS A 215 -10.16 8.56 -24.60
N MET A 216 -9.02 9.11 -24.19
CA MET A 216 -8.02 9.60 -25.12
C MET A 216 -6.79 8.72 -25.25
N VAL A 217 -6.67 7.71 -24.38
CA VAL A 217 -5.52 6.82 -24.43
C VAL A 217 -5.89 5.34 -24.53
N SER A 218 -7.17 5.05 -24.72
CA SER A 218 -7.65 3.68 -24.86
C SER A 218 -7.46 2.82 -23.60
N VAL A 219 -7.53 3.45 -22.44
CA VAL A 219 -7.36 2.72 -21.18
C VAL A 219 -8.73 2.27 -20.64
N ASP A 220 -8.77 1.03 -20.17
CA ASP A 220 -10.01 0.44 -19.65
C ASP A 220 -10.03 0.46 -18.12
N PHE A 221 -10.78 1.40 -17.54
CA PHE A 221 -10.86 1.46 -16.09
C PHE A 221 -12.02 0.63 -15.57
N PRO A 222 -11.71 -0.31 -14.66
CA PRO A 222 -12.75 -1.16 -14.07
C PRO A 222 -13.78 -0.32 -13.33
N GLU A 223 -15.01 -0.80 -13.30
CA GLU A 223 -16.12 -0.11 -12.62
C GLU A 223 -15.80 0.37 -11.21
N MET A 224 -15.42 -0.54 -10.32
CA MET A 224 -15.12 -0.16 -8.94
C MET A 224 -14.01 0.87 -8.85
N MET A 225 -12.92 0.65 -9.59
CA MET A 225 -11.79 1.56 -9.56
C MET A 225 -12.19 2.96 -10.05
N ALA A 226 -12.93 3.03 -11.15
CA ALA A 226 -13.35 4.33 -11.67
C ALA A 226 -14.16 5.10 -10.63
N GLU A 227 -15.05 4.41 -9.92
CA GLU A 227 -15.86 5.06 -8.90
C GLU A 227 -15.03 5.57 -7.74
N ILE A 228 -14.03 4.78 -7.33
CA ILE A 228 -13.19 5.19 -6.21
C ILE A 228 -12.26 6.33 -6.59
N ILE A 229 -11.77 6.31 -7.83
CA ILE A 229 -10.88 7.37 -8.31
C ILE A 229 -11.64 8.69 -8.34
N SER A 230 -12.89 8.65 -8.80
CA SER A 230 -13.71 9.84 -8.90
C SER A 230 -14.39 10.30 -7.60
N VAL A 231 -14.57 9.39 -6.65
CA VAL A 231 -15.22 9.75 -5.39
C VAL A 231 -14.27 9.90 -4.20
N GLN A 232 -13.35 8.96 -4.04
CA GLN A 232 -12.43 9.00 -2.90
C GLN A 232 -11.11 9.71 -3.18
N VAL A 233 -10.46 9.35 -4.27
CA VAL A 233 -9.18 9.96 -4.62
C VAL A 233 -9.19 11.49 -4.63
N PRO A 234 -10.26 12.13 -5.15
CA PRO A 234 -10.28 13.61 -5.17
C PRO A 234 -10.22 14.23 -3.77
N LYS A 235 -10.83 13.57 -2.77
CA LYS A 235 -10.80 14.07 -1.40
C LYS A 235 -9.37 14.13 -0.89
N ILE A 236 -8.58 13.13 -1.27
CA ILE A 236 -7.18 13.07 -0.85
C ILE A 236 -6.37 14.16 -1.56
N LEU A 237 -6.55 14.26 -2.87
CA LEU A 237 -5.83 15.23 -3.67
C LEU A 237 -6.19 16.67 -3.34
N SER A 238 -7.43 16.91 -2.92
CA SER A 238 -7.87 18.27 -2.59
C SER A 238 -7.57 18.62 -1.14
N GLY A 239 -7.09 17.65 -0.37
CA GLY A 239 -6.75 17.90 1.02
C GLY A 239 -7.80 17.67 2.08
N LYS A 240 -8.92 17.07 1.72
CA LYS A 240 -9.99 16.80 2.68
C LYS A 240 -9.66 15.53 3.49
N VAL A 241 -8.87 14.66 2.87
CA VAL A 241 -8.45 13.41 3.49
C VAL A 241 -6.92 13.43 3.49
N LYS A 242 -6.32 13.25 4.65
CA LYS A 242 -4.86 13.30 4.74
C LYS A 242 -4.21 12.13 5.47
N PRO A 243 -2.97 11.81 5.07
CA PRO A 243 -2.26 10.71 5.71
C PRO A 243 -1.68 11.17 7.04
N ILE A 244 -1.51 10.24 7.97
CA ILE A 244 -0.95 10.56 9.26
C ILE A 244 0.53 10.27 9.19
N TYR A 245 1.34 11.31 9.27
CA TYR A 245 2.79 11.11 9.23
C TYR A 245 3.25 11.04 10.68
N PHE A 246 4.42 10.45 10.90
CA PHE A 246 4.98 10.34 12.23
C PHE A 246 5.89 11.55 12.43
N HIS A 247 6.58 11.91 11.34
CA HIS A 247 7.53 13.01 11.34
C HIS A 247 6.99 14.21 10.58
C5 3B6 B . -0.57 -0.28 -8.56
C4 3B6 B . 0.24 -1.09 -7.76
I7 3B6 B . 1.76 -0.24 -6.60
C3 3B6 B . 0.02 -2.47 -7.74
C8 3B6 B . 0.82 -3.34 -6.96
N8 3B6 B . 1.47 -4.05 -6.35
C2 3B6 B . -1.01 -3.02 -8.50
C1 3B6 B . -1.82 -2.20 -9.30
C6 3B6 B . -1.60 -0.83 -9.33
N9 3B6 B . -2.39 -0.11 -10.12
C10 3B6 B . -2.34 1.20 -10.31
O10 3B6 B . -1.55 1.96 -9.75
C11 3B6 B . -3.40 1.73 -11.28
O11 3B6 B . -4.06 0.64 -11.91
C12 3B6 B . -2.72 2.62 -12.34
C13 3B6 B . -4.41 2.56 -10.51
O14 3B6 B . -5.04 1.73 -9.51
C16 3B6 B . -5.54 2.42 -8.45
C17 3B6 B . -6.11 3.68 -8.58
C18 3B6 B . -6.66 4.33 -7.48
C19 3B6 B . -6.64 3.71 -6.23
C22 3B6 B . -7.26 4.34 -5.10
N22 3B6 B . -7.76 4.84 -4.22
C20 3B6 B . -6.06 2.46 -6.09
C21 3B6 B . -5.52 1.81 -7.19
#